data_8W00
#
_entry.id   8W00
#
_cell.length_a   29.408
_cell.length_b   36.391
_cell.length_c   64.273
_cell.angle_alpha   89.840
_cell.angle_beta   89.660
_cell.angle_gamma   66.150
#
_symmetry.space_group_name_H-M   'P 1'
#
loop_
_entity.id
_entity.type
_entity.pdbx_description
1 polymer 'Retinol-binding protein 2'
2 non-polymer (2E)-3-{5-[4-(dimethylamino)phenyl]thiophen-2-yl}but-2-enal
3 non-polymer 'ACETATE ION'
4 water water
#
_entity_poly.entity_id   1
_entity_poly.type   'polypeptide(L)'
_entity_poly.pdbx_seq_one_letter_code
;TRDQNGTWEMESNENFEGWMKALDIDFATRKIAVRLTQTLVIDQDGDNFKVKSTSTFWNYDVDFTVGVEFDEYTKSLDNR
HVKALVTWEGDVLVCVQKGEKENRGWKKWIEGDKLYEELTCGDQVCRQVFKKK
;
_entity_poly.pdbx_strand_id   A,B
#
loop_
_chem_comp.id
_chem_comp.type
_chem_comp.name
_chem_comp.formula
A1AEQ non-polymer (2E)-3-{5-[4-(dimethylamino)phenyl]thiophen-2-yl}but-2-enal 'C16 H17 N O S'
ACT non-polymer 'ACETATE ION' 'C2 H3 O2 -1'
#
# COMPACT_ATOMS: atom_id res chain seq x y z
N THR A 1 14.40 -6.71 20.49
CA THR A 1 14.64 -5.31 20.84
C THR A 1 13.33 -4.58 21.12
N ARG A 2 13.37 -3.70 22.10
CA ARG A 2 12.25 -2.83 22.40
C ARG A 2 12.36 -1.48 21.69
N ASP A 3 13.41 -1.29 20.90
CA ASP A 3 13.60 0.01 20.26
C ASP A 3 12.79 0.11 18.96
N GLN A 4 11.72 0.90 18.98
CA GLN A 4 10.84 1.05 17.81
C GLN A 4 10.95 2.43 17.17
N ASN A 5 11.96 3.21 17.59
CA ASN A 5 12.23 4.50 16.96
C ASN A 5 12.35 4.46 15.45
N GLY A 6 11.73 5.42 14.78
CA GLY A 6 12.01 5.62 13.38
C GLY A 6 10.85 6.07 12.54
N THR A 7 11.14 6.27 11.25
CA THR A 7 10.13 6.52 10.24
C THR A 7 9.90 5.22 9.52
N TRP A 8 8.67 4.70 9.59
CA TRP A 8 8.34 3.37 9.12
C TRP A 8 7.40 3.47 7.92
N GLU A 9 7.80 2.88 6.81
CA GLU A 9 7.01 2.95 5.58
C GLU A 9 6.34 1.62 5.29
N MET A 10 5.05 1.65 5.04
CA MET A 10 4.29 0.41 4.89
C MET A 10 4.77 -0.45 3.73
N GLU A 11 4.92 -1.75 3.99
CA GLU A 11 5.22 -2.73 2.96
C GLU A 11 4.00 -3.62 2.67
N SER A 12 3.23 -3.92 3.72
CA SER A 12 2.14 -4.89 3.62
C SER A 12 0.98 -4.48 4.52
N ASN A 13 -0.24 -4.70 4.05
CA ASN A 13 -1.45 -4.36 4.79
C ASN A 13 -2.48 -5.44 4.55
N GLU A 14 -3.02 -6.05 5.61
CA GLU A 14 -3.98 -7.12 5.49
C GLU A 14 -5.19 -6.86 6.39
N ASN A 15 -6.39 -6.91 5.81
CA ASN A 15 -7.66 -6.74 6.53
C ASN A 15 -7.78 -5.39 7.25
N PHE A 16 -7.20 -4.35 6.68
CA PHE A 16 -7.39 -3.00 7.21
C PHE A 16 -8.87 -2.63 7.15
N GLU A 17 -9.57 -3.05 6.09
CA GLU A 17 -11.00 -2.71 6.01
C GLU A 17 -11.84 -3.42 7.08
N GLY A 18 -11.49 -4.66 7.43
CA GLY A 18 -12.23 -5.37 8.48
C GLY A 18 -12.14 -4.65 9.81
N TRP A 19 -10.93 -4.20 10.13
CA TRP A 19 -10.70 -3.44 11.35
C TRP A 19 -11.51 -2.14 11.32
N MET A 20 -11.47 -1.41 10.20
CA MET A 20 -12.24 -0.16 10.12
C MET A 20 -13.73 -0.40 10.25
N LYS A 21 -14.23 -1.48 9.65
CA LYS A 21 -15.65 -1.78 9.72
C LYS A 21 -16.07 -2.14 11.14
N ALA A 22 -15.21 -2.85 11.87
CA ALA A 22 -15.49 -3.18 13.27
C ALA A 22 -15.59 -1.93 14.14
N LEU A 23 -14.95 -0.85 13.70
CA LEU A 23 -15.05 0.44 14.38
C LEU A 23 -16.22 1.28 13.89
N ASP A 24 -16.95 0.74 12.92
CA ASP A 24 -18.15 1.36 12.35
C ASP A 24 -17.81 2.58 11.49
N ILE A 25 -16.58 2.64 11.02
CA ILE A 25 -16.20 3.72 10.11
C ILE A 25 -17.08 3.64 8.85
N ASP A 26 -17.55 4.79 8.37
CA ASP A 26 -18.53 4.84 7.29
C ASP A 26 -17.95 4.35 5.97
N PHE A 27 -18.85 3.92 5.09
CA PHE A 27 -18.50 3.34 3.80
C PHE A 27 -17.53 4.21 3.00
N ALA A 28 -17.83 5.50 2.84
CA ALA A 28 -17.00 6.33 1.97
C ALA A 28 -15.58 6.44 2.49
N THR A 29 -15.45 6.67 3.79
CA THR A 29 -14.12 6.75 4.42
C THR A 29 -13.36 5.44 4.27
N ARG A 30 -14.01 4.31 4.53
CA ARG A 30 -13.36 3.00 4.41
C ARG A 30 -12.87 2.74 3.01
N LYS A 31 -13.70 3.05 2.02
CA LYS A 31 -13.37 2.70 0.64
C LYS A 31 -12.18 3.49 0.14
N ILE A 32 -12.06 4.74 0.57
CA ILE A 32 -10.88 5.52 0.22
C ILE A 32 -9.66 5.02 1.02
N ALA A 33 -9.82 4.93 2.34
CA ALA A 33 -8.70 4.62 3.23
C ALA A 33 -8.03 3.26 2.98
N VAL A 34 -8.82 2.25 2.59
CA VAL A 34 -8.27 0.91 2.37
C VAL A 34 -7.28 0.87 1.20
N ARG A 35 -7.34 1.87 0.31
CA ARG A 35 -6.48 1.90 -0.86
C ARG A 35 -5.07 2.39 -0.57
N LEU A 36 -4.86 2.97 0.60
CA LEU A 36 -3.73 3.88 0.80
C LEU A 36 -2.52 3.26 1.49
N THR A 37 -1.35 3.71 1.07
CA THR A 37 -0.09 3.38 1.72
C THR A 37 0.03 4.23 2.98
N GLN A 38 0.50 3.62 4.06
CA GLN A 38 0.63 4.30 5.35
C GLN A 38 2.08 4.53 5.75
N THR A 39 2.27 5.49 6.64
CA THR A 39 3.56 5.74 7.27
C THR A 39 3.30 5.78 8.77
N LEU A 40 4.24 5.28 9.55
CA LEU A 40 4.15 5.35 11.01
C LEU A 40 5.45 5.96 11.49
N VAL A 41 5.36 7.07 12.22
CA VAL A 41 6.55 7.70 12.78
C VAL A 41 6.53 7.52 14.29
N ILE A 42 7.60 6.95 14.83
CA ILE A 42 7.68 6.68 16.26
C ILE A 42 8.88 7.40 16.85
N ASP A 43 8.61 8.23 17.85
CA ASP A 43 9.64 8.89 18.63
C ASP A 43 9.60 8.26 20.02
N GLN A 44 10.69 7.57 20.38
CA GLN A 44 10.73 6.82 21.62
C GLN A 44 11.92 7.21 22.46
N ASP A 45 11.65 7.63 23.70
CA ASP A 45 12.70 7.95 24.65
C ASP A 45 12.31 7.41 26.00
N GLY A 46 12.96 6.34 26.43
CA GLY A 46 12.56 5.65 27.65
C GLY A 46 11.12 5.16 27.53
N ASP A 47 10.29 5.54 28.50
CA ASP A 47 8.86 5.20 28.46
C ASP A 47 8.05 6.11 27.58
N ASN A 48 8.63 7.22 27.15
CA ASN A 48 7.83 8.23 26.47
C ASN A 48 7.79 8.02 24.97
N PHE A 49 6.56 7.88 24.46
CA PHE A 49 6.35 7.68 23.05
C PHE A 49 5.55 8.82 22.41
N LYS A 50 5.91 9.16 21.19
CA LYS A 50 5.05 9.97 20.32
C LYS A 50 4.89 9.17 19.04
N VAL A 51 3.65 8.87 18.67
CA VAL A 51 3.36 8.02 17.50
C VAL A 51 2.45 8.77 16.53
N LYS A 52 2.80 8.74 15.25
CA LYS A 52 2.01 9.39 14.20
C LYS A 52 1.73 8.41 13.09
N SER A 53 0.45 8.18 12.80
CA SER A 53 0.03 7.37 11.66
C SER A 53 -0.45 8.31 10.57
N THR A 54 0.08 8.17 9.36
CA THR A 54 -0.32 9.07 8.29
C THR A 54 -0.53 8.35 6.97
N SER A 55 -1.31 9.00 6.12
CA SER A 55 -1.47 8.65 4.72
C SER A 55 -1.82 9.95 4.03
N THR A 56 -2.16 9.89 2.74
CA THR A 56 -2.65 11.09 2.07
C THR A 56 -4.01 11.56 2.61
N PHE A 57 -4.68 10.72 3.40
CA PHE A 57 -6.06 10.97 3.80
C PHE A 57 -6.23 11.23 5.29
N TRP A 58 -5.22 10.89 6.11
CA TRP A 58 -5.29 11.17 7.54
C TRP A 58 -3.91 11.44 8.15
N ASN A 59 -3.95 12.01 9.34
CA ASN A 59 -2.77 12.22 10.18
C ASN A 59 -3.20 12.13 11.64
N TYR A 60 -2.95 10.97 12.26
CA TYR A 60 -3.43 10.63 13.60
C TYR A 60 -2.25 10.50 14.56
N ASP A 61 -2.21 11.34 15.58
CA ASP A 61 -1.08 11.37 16.51
C ASP A 61 -1.51 11.04 17.91
N VAL A 62 -0.65 10.35 18.64
CA VAL A 62 -0.92 10.07 20.04
C VAL A 62 0.39 10.00 20.81
N ASP A 63 0.39 10.59 21.99
CA ASP A 63 1.54 10.54 22.90
C ASP A 63 1.15 9.74 24.14
N PHE A 64 2.06 8.94 24.65
CA PHE A 64 1.78 8.21 25.88
C PHE A 64 3.07 7.84 26.58
N THR A 65 2.91 7.43 27.84
CA THR A 65 3.99 6.90 28.65
C THR A 65 3.68 5.44 28.94
N VAL A 66 4.61 4.56 28.62
CA VAL A 66 4.43 3.15 28.92
C VAL A 66 4.10 2.97 30.39
N GLY A 67 3.05 2.20 30.66
CA GLY A 67 2.66 1.89 32.03
C GLY A 67 1.78 2.92 32.74
N VAL A 68 1.38 3.98 32.04
CA VAL A 68 0.54 5.03 32.63
C VAL A 68 -0.78 5.08 31.88
N GLU A 69 -1.88 4.73 32.55
CA GLU A 69 -3.20 4.81 31.94
C GLU A 69 -3.52 6.24 31.49
N PHE A 70 -4.21 6.38 30.36
CA PHE A 70 -4.65 7.70 29.92
C PHE A 70 -6.02 7.61 29.27
N ASP A 71 -6.89 8.53 29.66
CA ASP A 71 -8.17 8.72 28.99
C ASP A 71 -7.93 9.36 27.66
N GLU A 72 -8.61 8.83 26.65
CA GLU A 72 -8.33 9.21 25.29
C GLU A 72 -9.60 9.42 24.48
N TYR A 73 -9.64 10.47 23.67
CA TYR A 73 -10.65 10.62 22.63
C TYR A 73 -10.02 10.17 21.33
N THR A 74 -10.69 9.31 20.57
CA THR A 74 -10.06 8.75 19.37
C THR A 74 -10.28 9.64 18.14
N LYS A 75 -10.86 10.82 18.36
CA LYS A 75 -10.76 11.91 17.40
C LYS A 75 -11.27 11.49 16.01
N SER A 76 -10.54 11.77 14.94
CA SER A 76 -11.14 11.56 13.62
C SER A 76 -11.17 10.08 13.18
N LEU A 77 -10.62 9.16 13.96
CA LEU A 77 -10.75 7.73 13.67
C LEU A 77 -12.22 7.30 13.85
N ASP A 78 -12.72 7.30 15.09
CA ASP A 78 -14.11 6.93 15.32
C ASP A 78 -14.79 7.71 16.45
N ASN A 79 -14.16 8.82 16.88
CA ASN A 79 -14.80 9.76 17.80
C ASN A 79 -15.39 9.09 19.04
N ARG A 80 -14.61 8.23 19.69
CA ARG A 80 -15.05 7.55 20.90
C ARG A 80 -14.10 7.83 22.05
N HIS A 81 -14.61 7.72 23.27
CA HIS A 81 -13.81 7.79 24.47
C HIS A 81 -13.40 6.41 24.95
N VAL A 82 -12.11 6.24 25.22
CA VAL A 82 -11.58 4.98 25.74
C VAL A 82 -10.58 5.25 26.87
N LYS A 83 -10.32 4.23 27.67
CA LYS A 83 -9.25 4.26 28.66
C LYS A 83 -8.12 3.42 28.12
N ALA A 84 -6.99 4.07 27.83
CA ALA A 84 -5.91 3.44 27.11
C ALA A 84 -4.73 3.14 28.02
N LEU A 85 -4.02 2.06 27.69
CA LEU A 85 -2.86 1.65 28.44
C LEU A 85 -1.91 0.95 27.50
N VAL A 86 -0.66 1.36 27.50
CA VAL A 86 0.37 0.72 26.69
C VAL A 86 1.43 0.11 27.61
N THR A 87 1.75 -1.16 27.39
CA THR A 87 2.70 -1.90 28.23
C THR A 87 3.56 -2.80 27.37
N TRP A 88 4.62 -3.35 27.97
CA TRP A 88 5.46 -4.33 27.31
C TRP A 88 5.09 -5.74 27.74
N GLU A 89 4.93 -6.61 26.77
CA GLU A 89 4.91 -8.05 26.98
C GLU A 89 6.12 -8.60 26.25
N GLY A 90 7.20 -8.84 26.99
CA GLY A 90 8.48 -9.13 26.36
C GLY A 90 8.88 -7.95 25.51
N ASP A 91 9.13 -8.17 24.21
CA ASP A 91 9.44 -7.06 23.31
C ASP A 91 8.27 -6.70 22.42
N VAL A 92 7.06 -7.08 22.80
CA VAL A 92 5.86 -6.66 22.10
C VAL A 92 5.25 -5.49 22.87
N LEU A 93 5.03 -4.38 22.17
CA LEU A 93 4.37 -3.21 22.73
C LEU A 93 2.87 -3.41 22.56
N VAL A 94 2.14 -3.42 23.66
CA VAL A 94 0.72 -3.80 23.64
C VAL A 94 -0.13 -2.62 24.12
N CYS A 95 -1.09 -2.20 23.30
CA CYS A 95 -2.05 -1.19 23.72
C CYS A 95 -3.43 -1.82 23.87
N VAL A 96 -4.06 -1.57 25.01
CA VAL A 96 -5.44 -1.94 25.25
C VAL A 96 -6.27 -0.67 25.43
N GLN A 97 -7.33 -0.54 24.66
CA GLN A 97 -8.24 0.59 24.78
C GLN A 97 -9.58 0.10 25.30
N LYS A 98 -9.84 0.35 26.59
CA LYS A 98 -11.08 -0.10 27.22
C LYS A 98 -12.22 0.84 26.93
N GLY A 99 -13.36 0.27 26.57
CA GLY A 99 -14.49 1.08 26.14
C GLY A 99 -15.58 0.26 25.50
N GLU A 100 -16.30 0.88 24.56
CA GLU A 100 -17.47 0.26 23.96
C GLU A 100 -17.10 -0.99 23.17
N LYS A 101 -16.01 -0.94 22.43
CA LYS A 101 -15.57 -2.07 21.61
C LYS A 101 -14.75 -3.07 22.41
N GLU A 102 -14.99 -4.36 22.17
CA GLU A 102 -14.19 -5.43 22.78
C GLU A 102 -12.88 -5.63 22.03
N ASN A 103 -11.86 -6.15 22.71
CA ASN A 103 -10.60 -6.56 22.06
C ASN A 103 -9.98 -5.44 21.26
N ARG A 104 -10.14 -4.21 21.74
CA ARG A 104 -9.69 -3.05 21.01
C ARG A 104 -8.28 -2.63 21.40
N GLY A 105 -7.41 -2.43 20.41
CA GLY A 105 -6.09 -1.91 20.66
C GLY A 105 -5.16 -2.25 19.53
N TRP A 106 -3.88 -2.45 19.88
CA TRP A 106 -2.88 -2.82 18.90
C TRP A 106 -1.68 -3.45 19.57
N LYS A 107 -0.83 -4.05 18.74
CA LYS A 107 0.45 -4.61 19.17
C LYS A 107 1.49 -4.25 18.14
N LYS A 108 2.68 -3.86 18.58
CA LYS A 108 3.80 -3.58 17.68
C LYS A 108 5.03 -4.33 18.13
N TRP A 109 5.80 -4.87 17.18
CA TRP A 109 7.06 -5.50 17.53
C TRP A 109 8.02 -5.40 16.36
N ILE A 110 9.30 -5.51 16.66
CA ILE A 110 10.37 -5.49 15.68
C ILE A 110 10.74 -6.93 15.37
N GLU A 111 10.81 -7.26 14.09
CA GLU A 111 11.04 -8.63 13.67
C GLU A 111 11.91 -8.47 12.45
N GLY A 112 13.16 -8.90 12.55
CA GLY A 112 14.14 -8.55 11.54
C GLY A 112 14.44 -7.07 11.60
N ASP A 113 14.44 -6.41 10.44
CA ASP A 113 14.65 -4.97 10.36
C ASP A 113 13.32 -4.26 10.09
N LYS A 114 12.23 -4.90 10.48
CA LYS A 114 10.92 -4.39 10.12
C LYS A 114 10.06 -4.22 11.36
N LEU A 115 9.07 -3.34 11.25
CA LEU A 115 8.08 -3.18 12.30
C LEU A 115 6.81 -3.90 11.87
N TYR A 116 6.32 -4.79 12.73
CA TYR A 116 5.10 -5.54 12.52
C TYR A 116 4.07 -4.99 13.46
N GLU A 117 2.83 -4.88 13.01
CA GLU A 117 1.80 -4.55 13.98
C GLU A 117 0.48 -5.21 13.67
N GLU A 118 -0.30 -5.36 14.74
CA GLU A 118 -1.66 -5.81 14.67
C GLU A 118 -2.55 -4.69 15.16
N LEU A 119 -3.62 -4.41 14.43
CA LEU A 119 -4.70 -3.53 14.91
C LEU A 119 -5.91 -4.41 15.17
N THR A 120 -6.49 -4.34 16.36
CA THR A 120 -7.60 -5.23 16.71
C THR A 120 -8.84 -4.46 17.16
N CYS A 121 -10.00 -5.00 16.80
CA CYS A 121 -11.28 -4.50 17.26
C CYS A 121 -12.32 -5.60 17.06
N GLY A 122 -13.10 -5.92 18.10
CA GLY A 122 -14.09 -6.96 17.96
C GLY A 122 -13.40 -8.27 17.62
N ASP A 123 -13.89 -8.95 16.58
CA ASP A 123 -13.26 -10.20 16.16
C ASP A 123 -12.36 -9.99 14.94
N GLN A 124 -12.02 -8.74 14.64
CA GLN A 124 -11.19 -8.41 13.49
C GLN A 124 -9.74 -8.10 13.88
N VAL A 125 -8.82 -8.58 13.04
CA VAL A 125 -7.40 -8.29 13.19
C VAL A 125 -6.85 -7.80 11.86
N CYS A 126 -6.26 -6.61 11.88
CA CYS A 126 -5.52 -6.12 10.74
C CYS A 126 -4.03 -6.35 11.00
N ARG A 127 -3.31 -6.87 10.01
CA ARG A 127 -1.88 -7.14 10.13
C ARG A 127 -1.11 -6.30 9.15
N GLN A 128 -0.09 -5.60 9.65
CA GLN A 128 0.71 -4.69 8.84
C GLN A 128 2.19 -4.93 9.03
N VAL A 129 2.97 -4.61 8.00
CA VAL A 129 4.42 -4.68 8.07
C VAL A 129 4.98 -3.41 7.45
N PHE A 130 5.97 -2.81 8.13
CA PHE A 130 6.61 -1.57 7.73
C PHE A 130 8.11 -1.79 7.66
N LYS A 131 8.76 -1.10 6.72
CA LYS A 131 10.22 -1.09 6.64
C LYS A 131 10.76 0.22 7.20
N LYS A 132 11.92 0.18 7.84
CA LYS A 132 12.49 1.38 8.41
C LYS A 132 13.09 2.23 7.29
N LYS A 133 12.69 3.49 7.22
CA LYS A 133 13.17 4.36 6.14
C LYS A 133 14.66 4.68 6.30
N THR B 1 2.50 17.07 -19.32
CA THR B 1 3.86 16.65 -19.60
C THR B 1 3.94 15.17 -19.98
N ARG B 2 4.83 14.88 -20.91
CA ARG B 2 5.11 13.49 -21.28
C ARG B 2 6.29 12.92 -20.50
N ASP B 3 6.87 13.72 -19.60
CA ASP B 3 8.05 13.25 -18.87
C ASP B 3 7.66 12.42 -17.64
N GLN B 4 7.88 11.10 -17.71
CA GLN B 4 7.52 10.20 -16.63
C GLN B 4 8.74 9.63 -15.89
N ASN B 5 9.91 10.20 -16.17
CA ASN B 5 11.11 9.81 -15.43
C ASN B 5 10.97 9.85 -13.94
N GLY B 6 11.51 8.85 -13.26
CA GLY B 6 11.66 8.92 -11.83
C GLY B 6 11.46 7.62 -11.08
N THR B 7 11.63 7.72 -9.76
CA THR B 7 11.32 6.64 -8.85
C THR B 7 9.98 6.99 -8.23
N TRP B 8 8.99 6.13 -8.44
CA TRP B 8 7.60 6.41 -8.07
C TRP B 8 7.16 5.45 -6.97
N GLU B 9 6.70 6.01 -5.86
CA GLU B 9 6.31 5.21 -4.70
C GLU B 9 4.80 5.20 -4.56
N MET B 10 4.22 4.01 -4.44
CA MET B 10 2.77 3.91 -4.43
C MET B 10 2.12 4.66 -3.28
N GLU B 11 1.06 5.40 -3.60
CA GLU B 11 0.22 6.05 -2.61
C GLU B 11 -1.15 5.36 -2.50
N SER B 12 -1.66 4.90 -3.62
CA SER B 12 -3.02 4.35 -3.70
C SER B 12 -3.09 3.19 -4.68
N ASN B 13 -3.88 2.18 -4.34
CA ASN B 13 -4.06 0.98 -5.15
C ASN B 13 -5.51 0.54 -5.08
N GLU B 14 -6.19 0.41 -6.22
CA GLU B 14 -7.60 0.05 -6.26
C GLU B 14 -7.82 -1.10 -7.26
N ASN B 15 -8.46 -2.17 -6.79
CA ASN B 15 -8.81 -3.33 -7.61
C ASN B 15 -7.59 -4.02 -8.27
N PHE B 16 -6.46 -4.01 -7.58
CA PHE B 16 -5.31 -4.78 -8.04
C PHE B 16 -5.65 -6.27 -8.10
N GLU B 17 -6.46 -6.76 -7.15
CA GLU B 17 -6.77 -8.19 -7.18
C GLU B 17 -7.68 -8.55 -8.36
N GLY B 18 -8.59 -7.66 -8.74
CA GLY B 18 -9.45 -7.93 -9.88
C GLY B 18 -8.65 -8.08 -11.17
N TRP B 19 -7.69 -7.19 -11.35
CA TRP B 19 -6.78 -7.27 -12.48
C TRP B 19 -6.00 -8.59 -12.46
N MET B 20 -5.44 -8.96 -11.31
CA MET B 20 -4.69 -10.23 -11.21
C MET B 20 -5.58 -11.42 -11.50
N LYS B 21 -6.81 -11.39 -10.99
CA LYS B 21 -7.79 -12.45 -11.24
C LYS B 21 -8.06 -12.63 -12.73
N ALA B 22 -8.22 -11.51 -13.42
CA ALA B 22 -8.51 -11.54 -14.85
C ALA B 22 -7.36 -12.14 -15.65
N LEU B 23 -6.15 -12.09 -15.10
CA LEU B 23 -4.99 -12.73 -15.70
C LEU B 23 -4.83 -14.18 -15.28
N ASP B 24 -5.73 -14.64 -14.40
CA ASP B 24 -5.77 -16.02 -13.90
C ASP B 24 -4.62 -16.33 -12.96
N ILE B 25 -4.06 -15.29 -12.35
CA ILE B 25 -3.03 -15.49 -11.36
C ILE B 25 -3.60 -16.30 -10.19
N ASP B 26 -2.83 -17.29 -9.73
CA ASP B 26 -3.32 -18.24 -8.73
C ASP B 26 -3.63 -17.58 -7.39
N PHE B 27 -4.50 -18.24 -6.62
CA PHE B 27 -4.97 -17.74 -5.34
C PHE B 27 -3.84 -17.31 -4.40
N ALA B 28 -2.85 -18.18 -4.18
CA ALA B 28 -1.81 -17.87 -3.19
C ALA B 28 -1.04 -16.61 -3.58
N THR B 29 -0.66 -16.52 -4.85
CA THR B 29 0.06 -15.36 -5.35
C THR B 29 -0.78 -14.09 -5.20
N ARG B 30 -2.05 -14.15 -5.58
CA ARG B 30 -2.92 -12.97 -5.47
C ARG B 30 -3.07 -12.50 -4.04
N LYS B 31 -3.28 -13.43 -3.12
CA LYS B 31 -3.57 -13.04 -1.75
C LYS B 31 -2.37 -12.39 -1.08
N ILE B 32 -1.16 -12.82 -1.44
CA ILE B 32 0.02 -12.16 -0.94
C ILE B 32 0.21 -10.81 -1.64
N ALA B 33 0.18 -10.82 -2.98
CA ALA B 33 0.49 -9.63 -3.76
C ALA B 33 -0.46 -8.45 -3.51
N VAL B 34 -1.73 -8.72 -3.24
CA VAL B 34 -2.69 -7.64 -3.07
C VAL B 34 -2.39 -6.80 -1.83
N ARG B 35 -1.61 -7.36 -0.90
CA ARG B 35 -1.31 -6.66 0.36
C ARG B 35 -0.22 -5.61 0.22
N LEU B 36 0.51 -5.64 -0.89
CA LEU B 36 1.83 -5.04 -0.93
C LEU B 36 1.91 -3.64 -1.53
N THR B 37 2.79 -2.82 -0.97
CA THR B 37 3.13 -1.51 -1.52
C THR B 37 4.06 -1.71 -2.70
N GLN B 38 3.82 -0.97 -3.78
CA GLN B 38 4.62 -1.10 -4.99
C GLN B 38 5.51 0.12 -5.24
N THR B 39 6.53 -0.10 -6.06
CA THR B 39 7.39 0.96 -6.56
C THR B 39 7.46 0.80 -8.08
N LEU B 40 7.48 1.92 -8.79
CA LEU B 40 7.66 1.90 -10.23
C LEU B 40 8.86 2.79 -10.56
N VAL B 41 9.85 2.26 -11.24
CA VAL B 41 11.01 3.06 -11.63
C VAL B 41 10.99 3.21 -13.14
N ILE B 42 11.02 4.44 -13.61
CA ILE B 42 10.95 4.74 -15.04
C ILE B 42 12.18 5.52 -15.47
N ASP B 43 12.89 4.96 -16.44
CA ASP B 43 14.02 5.62 -17.08
C ASP B 43 13.58 5.95 -18.50
N GLN B 44 13.46 7.24 -18.81
CA GLN B 44 12.93 7.69 -20.09
C GLN B 44 13.90 8.62 -20.78
N ASP B 45 14.26 8.27 -22.01
CA ASP B 45 15.13 9.09 -22.84
C ASP B 45 14.59 9.08 -24.25
N GLY B 46 13.98 10.17 -24.67
CA GLY B 46 13.30 10.22 -25.96
C GLY B 46 12.22 9.14 -26.00
N ASP B 47 12.28 8.29 -27.02
CA ASP B 47 11.34 7.18 -27.16
C ASP B 47 11.67 5.99 -26.30
N ASN B 48 12.86 5.97 -25.73
CA ASN B 48 13.35 4.76 -25.08
C ASN B 48 13.00 4.72 -23.62
N PHE B 49 12.28 3.68 -23.23
CA PHE B 49 11.87 3.48 -21.85
C PHE B 49 12.46 2.22 -21.24
N LYS B 50 12.81 2.31 -19.96
CA LYS B 50 13.07 1.14 -19.13
C LYS B 50 12.16 1.28 -17.92
N VAL B 51 11.30 0.29 -17.71
CA VAL B 51 10.31 0.35 -16.63
C VAL B 51 10.46 -0.86 -15.70
N LYS B 52 10.48 -0.60 -14.40
CA LYS B 52 10.60 -1.65 -13.37
C LYS B 52 9.48 -1.53 -12.35
N SER B 53 8.69 -2.59 -12.21
CA SER B 53 7.68 -2.67 -11.17
C SER B 53 8.20 -3.58 -10.07
N THR B 54 8.20 -3.12 -8.83
CA THR B 54 8.70 -3.93 -7.74
C THR B 54 7.84 -3.86 -6.49
N SER B 55 7.98 -4.91 -5.68
CA SER B 55 7.46 -4.98 -4.33
C SER B 55 8.40 -5.92 -3.58
N THR B 56 8.05 -6.28 -2.35
CA THR B 56 8.84 -7.29 -1.66
C THR B 56 8.71 -8.68 -2.30
N PHE B 57 7.76 -8.85 -3.20
CA PHE B 57 7.38 -10.16 -3.73
C PHE B 57 7.67 -10.34 -5.23
N TRP B 58 7.89 -9.24 -5.95
CA TRP B 58 8.25 -9.35 -7.36
C TRP B 58 9.16 -8.22 -7.82
N ASN B 59 9.77 -8.44 -8.98
CA ASN B 59 10.57 -7.44 -9.68
C ASN B 59 10.43 -7.71 -11.18
N TYR B 60 9.60 -6.91 -11.84
CA TYR B 60 9.20 -7.11 -13.24
C TYR B 60 9.71 -5.94 -14.08
N ASP B 61 10.57 -6.23 -15.05
CA ASP B 61 11.19 -5.19 -15.86
C ASP B 61 10.84 -5.34 -17.32
N VAL B 62 10.67 -4.21 -18.00
CA VAL B 62 10.44 -4.25 -19.43
C VAL B 62 11.04 -3.00 -20.09
N ASP B 63 11.68 -3.21 -21.24
CA ASP B 63 12.25 -2.13 -22.03
C ASP B 63 11.48 -2.03 -23.33
N PHE B 64 11.22 -0.81 -23.79
CA PHE B 64 10.56 -0.65 -25.07
C PHE B 64 10.88 0.70 -25.68
N THR B 65 10.57 0.83 -26.96
CA THR B 65 10.66 2.08 -27.69
C THR B 65 9.25 2.47 -28.10
N VAL B 66 8.85 3.69 -27.75
CA VAL B 66 7.55 4.19 -28.15
C VAL B 66 7.38 4.07 -29.67
N GLY B 67 6.26 3.50 -30.08
CA GLY B 67 5.92 3.35 -31.49
C GLY B 67 6.50 2.15 -32.22
N VAL B 68 7.21 1.28 -31.49
CA VAL B 68 7.83 0.09 -32.08
C VAL B 68 7.21 -1.15 -31.46
N GLU B 69 6.47 -1.93 -32.25
CA GLU B 69 5.88 -3.17 -31.76
C GLU B 69 6.97 -4.14 -31.26
N PHE B 70 6.67 -4.88 -30.21
CA PHE B 70 7.59 -5.90 -29.73
C PHE B 70 6.84 -7.11 -29.21
N ASP B 71 7.30 -8.28 -29.63
CA ASP B 71 6.80 -9.57 -29.11
C ASP B 71 7.34 -9.72 -27.71
N GLU B 72 6.48 -10.10 -26.79
CA GLU B 72 6.88 -10.14 -25.38
C GLU B 72 6.37 -11.41 -24.69
N TYR B 73 7.20 -11.96 -23.80
CA TYR B 73 6.77 -13.01 -22.86
C TYR B 73 6.54 -12.28 -21.53
N THR B 74 5.42 -12.54 -20.89
CA THR B 74 5.09 -11.79 -19.68
C THR B 74 5.66 -12.46 -18.44
N LYS B 75 6.46 -13.51 -18.64
CA LYS B 75 7.38 -13.97 -17.61
C LYS B 75 6.65 -14.31 -16.31
N SER B 76 7.13 -13.86 -15.16
CA SER B 76 6.55 -14.37 -13.91
C SER B 76 5.18 -13.78 -13.57
N LEU B 77 4.70 -12.81 -14.36
CA LEU B 77 3.34 -12.28 -14.16
C LEU B 77 2.33 -13.37 -14.48
N ASP B 78 2.20 -13.75 -15.76
CA ASP B 78 1.27 -14.81 -16.16
C ASP B 78 1.78 -15.69 -17.30
N ASN B 79 3.07 -15.61 -17.60
CA ASN B 79 3.70 -16.56 -18.53
C ASN B 79 2.96 -16.69 -19.86
N ARG B 80 2.62 -15.57 -20.47
CA ARG B 80 1.93 -15.58 -21.77
C ARG B 80 2.71 -14.80 -22.81
N HIS B 81 2.48 -15.13 -24.08
CA HIS B 81 3.04 -14.38 -25.19
C HIS B 81 2.05 -13.36 -25.71
N VAL B 82 2.51 -12.12 -25.84
CA VAL B 82 1.68 -11.05 -26.40
C VAL B 82 2.47 -10.22 -27.38
N LYS B 83 1.76 -9.49 -28.25
CA LYS B 83 2.36 -8.49 -29.13
C LYS B 83 2.08 -7.12 -28.54
N ALA B 84 3.13 -6.45 -28.08
CA ALA B 84 2.98 -5.23 -27.31
C ALA B 84 3.33 -4.00 -28.11
N LEU B 85 2.68 -2.90 -27.79
CA LEU B 85 2.90 -1.63 -28.45
C LEU B 85 2.60 -0.52 -27.46
N VAL B 86 3.54 0.41 -27.31
CA VAL B 86 3.35 1.57 -26.44
C VAL B 86 3.38 2.83 -27.29
N THR B 87 2.37 3.68 -27.12
CA THR B 87 2.24 4.91 -27.91
C THR B 87 1.73 6.05 -27.03
N TRP B 88 1.78 7.27 -27.56
CA TRP B 88 1.23 8.43 -26.88
C TRP B 88 -0.15 8.76 -27.43
N GLU B 89 -1.10 8.97 -26.52
CA GLU B 89 -2.37 9.60 -26.83
C GLU B 89 -2.39 10.89 -26.01
N GLY B 90 -2.03 12.00 -26.65
CA GLY B 90 -1.79 13.23 -25.91
C GLY B 90 -0.62 12.99 -24.97
N ASP B 91 -0.84 13.24 -23.67
CA ASP B 91 0.21 12.97 -22.68
C ASP B 91 -0.09 11.70 -21.88
N VAL B 92 -0.95 10.84 -22.40
CA VAL B 92 -1.17 9.52 -21.80
C VAL B 92 -0.33 8.49 -22.55
N LEU B 93 0.48 7.75 -21.80
CA LEU B 93 1.29 6.67 -22.36
C LEU B 93 0.43 5.41 -22.34
N VAL B 94 0.18 4.83 -23.51
CA VAL B 94 -0.78 3.75 -23.64
C VAL B 94 -0.09 2.49 -24.14
N CYS B 95 -0.23 1.40 -23.40
CA CYS B 95 0.27 0.09 -23.82
C CYS B 95 -0.89 -0.83 -24.15
N VAL B 96 -0.85 -1.43 -25.34
CA VAL B 96 -1.78 -2.48 -25.72
C VAL B 96 -0.99 -3.77 -25.90
N GLN B 97 -1.44 -4.82 -25.23
CA GLN B 97 -0.82 -6.13 -25.34
C GLN B 97 -1.80 -7.08 -26.03
N LYS B 98 -1.57 -7.34 -27.32
CA LYS B 98 -2.46 -8.19 -28.09
C LYS B 98 -2.18 -9.67 -27.86
N GLY B 99 -3.24 -10.44 -27.64
CA GLY B 99 -3.07 -11.84 -27.28
C GLY B 99 -4.35 -12.48 -26.79
N GLU B 100 -4.22 -13.44 -25.89
CA GLU B 100 -5.36 -14.24 -25.44
C GLU B 100 -6.38 -13.39 -24.70
N LYS B 101 -5.89 -12.47 -23.87
CA LYS B 101 -6.78 -11.62 -23.07
C LYS B 101 -7.23 -10.39 -23.85
N GLU B 102 -8.50 -10.02 -23.70
CA GLU B 102 -9.03 -8.80 -24.31
C GLU B 102 -8.71 -7.58 -23.45
N ASN B 103 -8.66 -6.39 -24.05
CA ASN B 103 -8.49 -5.14 -23.31
C ASN B 103 -7.28 -5.13 -22.40
N ARG B 104 -6.22 -5.81 -22.82
CA ARG B 104 -5.05 -5.98 -21.98
C ARG B 104 -4.01 -4.89 -22.21
N GLY B 105 -3.54 -4.28 -21.14
CA GLY B 105 -2.45 -3.32 -21.23
C GLY B 105 -2.45 -2.40 -20.04
N TRP B 106 -2.02 -1.17 -20.27
CA TRP B 106 -2.00 -0.17 -19.21
C TRP B 106 -1.94 1.22 -19.80
N LYS B 107 -2.18 2.20 -18.94
CA LYS B 107 -2.06 3.62 -19.29
C LYS B 107 -1.37 4.32 -18.15
N LYS B 108 -0.44 5.24 -18.45
CA LYS B 108 0.21 6.05 -17.41
C LYS B 108 0.14 7.50 -17.78
N TRP B 109 -0.08 8.38 -16.80
CA TRP B 109 -0.03 9.80 -17.06
C TRP B 109 0.37 10.54 -15.80
N ILE B 110 0.87 11.75 -15.99
CA ILE B 110 1.27 12.63 -14.91
C ILE B 110 0.13 13.60 -14.65
N GLU B 111 -0.24 13.75 -13.40
CA GLU B 111 -1.40 14.56 -13.03
C GLU B 111 -0.98 15.17 -11.74
N GLY B 112 -0.74 16.48 -11.75
CA GLY B 112 -0.09 17.13 -10.62
C GLY B 112 1.36 16.70 -10.52
N ASP B 113 1.77 16.29 -9.31
CA ASP B 113 3.14 15.88 -9.03
C ASP B 113 3.18 14.33 -8.94
N LYS B 114 2.15 13.70 -9.48
CA LYS B 114 1.99 12.28 -9.27
C LYS B 114 1.86 11.51 -10.57
N LEU B 115 2.17 10.22 -10.51
CA LEU B 115 1.97 9.34 -11.65
C LEU B 115 0.72 8.51 -11.39
N TYR B 116 -0.20 8.54 -12.35
CA TYR B 116 -1.44 7.78 -12.29
C TYR B 116 -1.31 6.66 -13.28
N GLU B 117 -1.79 5.48 -12.94
CA GLU B 117 -1.88 4.48 -13.99
C GLU B 117 -3.10 3.59 -13.85
N GLU B 118 -3.50 3.05 -14.99
CA GLU B 118 -4.52 2.02 -15.07
C GLU B 118 -3.88 0.75 -15.58
N LEU B 119 -4.16 -0.38 -14.94
CA LEU B 119 -3.81 -1.69 -15.48
C LEU B 119 -5.12 -2.35 -15.89
N THR B 120 -5.20 -2.84 -17.13
CA THR B 120 -6.45 -3.41 -17.62
C THR B 120 -6.29 -4.82 -18.15
N CYS B 121 -7.34 -5.61 -17.95
CA CYS B 121 -7.42 -6.96 -18.50
C CYS B 121 -8.88 -7.39 -18.46
N GLY B 122 -9.41 -7.88 -19.56
CA GLY B 122 -10.80 -8.31 -19.59
C GLY B 122 -11.69 -7.12 -19.25
N ASP B 123 -12.59 -7.29 -18.30
CA ASP B 123 -13.46 -6.19 -17.89
C ASP B 123 -12.99 -5.55 -16.58
N GLN B 124 -11.75 -5.84 -16.19
CA GLN B 124 -11.20 -5.32 -14.94
C GLN B 124 -10.25 -4.14 -15.17
N VAL B 125 -10.34 -3.15 -14.29
CA VAL B 125 -9.43 -2.01 -14.29
C VAL B 125 -8.87 -1.83 -12.90
N CYS B 126 -7.55 -1.85 -12.77
CA CYS B 126 -6.87 -1.47 -11.54
C CYS B 126 -6.39 -0.04 -11.67
N ARG B 127 -6.65 0.79 -10.66
CA ARG B 127 -6.22 2.18 -10.68
C ARG B 127 -5.20 2.42 -9.57
N GLN B 128 -4.09 3.05 -9.92
CA GLN B 128 -2.98 3.27 -8.98
C GLN B 128 -2.50 4.72 -9.05
N VAL B 129 -1.98 5.21 -7.93
CA VAL B 129 -1.40 6.55 -7.87
C VAL B 129 -0.06 6.42 -7.13
N PHE B 130 0.97 7.06 -7.68
CA PHE B 130 2.32 7.04 -7.15
C PHE B 130 2.81 8.46 -6.93
N LYS B 131 3.61 8.67 -5.90
CA LYS B 131 4.27 9.95 -5.69
C LYS B 131 5.73 9.87 -6.12
N LYS B 132 6.26 10.96 -6.66
CA LYS B 132 7.64 10.96 -7.09
C LYS B 132 8.54 11.05 -5.87
N LYS B 133 9.49 10.12 -5.75
CA LYS B 133 10.37 10.11 -4.57
C LYS B 133 11.35 11.28 -4.59
C1 A1AEQ C . -7.12 6.48 10.87
C2 A1AEQ C . -6.52 6.94 12.03
C3 A1AEQ C . -5.53 6.19 12.65
C4 A1AEQ C . -5.16 4.96 12.12
C5 A1AEQ C . -5.74 4.50 10.94
C6 A1AEQ C . -6.73 5.26 10.32
C8 A1AEQ C . -8.40 8.59 10.74
C9 A1AEQ C . -8.87 6.70 9.15
C10 A1AEQ C . -4.07 4.19 12.76
C11 A1AEQ C . -3.30 3.14 12.29
C12 A1AEQ C . -2.34 2.71 13.21
C13 A1AEQ C . -2.35 3.43 14.40
C15 A1AEQ C . -1.47 3.31 15.60
C16 A1AEQ C . -0.46 2.43 15.52
C17 A1AEQ C . 0.48 2.30 16.63
C19 A1AEQ C . -1.74 4.19 16.77
N7 A1AEQ C . -8.12 7.25 10.27
S14 A1AEQ C . -3.57 4.66 14.36
C ACT D . -3.97 5.08 20.33
O ACT D . -4.77 6.02 20.21
OXT ACT D . -3.70 4.34 19.35
CH3 ACT D . -3.29 4.83 21.65
C1 A1AEQ E . 3.56 -8.65 -11.08
C2 A1AEQ E . 4.38 -8.27 -12.14
C3 A1AEQ E . 4.23 -7.01 -12.71
C4 A1AEQ E . 3.26 -6.14 -12.24
C5 A1AEQ E . 2.45 -6.51 -11.17
C6 A1AEQ E . 2.59 -7.76 -10.60
C8 A1AEQ E . 4.82 -10.76 -10.90
C9 A1AEQ E . 2.74 -10.37 -9.54
C10 A1AEQ E . 3.13 -4.78 -12.82
C11 A1AEQ E . 2.50 -3.64 -12.35
C12 A1AEQ E . 2.64 -2.54 -13.19
C13 A1AEQ E . 3.38 -2.80 -14.34
C15 A1AEQ E . 3.78 -1.90 -15.44
C16 A1AEQ E . 3.45 -0.60 -15.33
C17 A1AEQ E . 3.84 0.36 -16.34
C19 A1AEQ E . 4.57 -2.47 -16.59
N7 A1AEQ E . 3.71 -9.91 -10.51
S14 A1AEQ E . 3.91 -4.46 -14.34
C ACT F . 4.68 -4.66 -20.27
O ACT F . 4.05 -4.14 -19.32
OXT ACT F . 5.17 -5.79 -20.22
CH3 ACT F . 4.85 -3.86 -21.53
#